data_6CRM
#
_entry.id   6CRM
#
_cell.length_a   78.468
_cell.length_b   94.670
_cell.length_c   98.906
_cell.angle_alpha   90.000
_cell.angle_beta   90.000
_cell.angle_gamma   90.000
#
_symmetry.space_group_name_H-M   'P 21 21 2'
#
loop_
_entity.id
_entity.type
_entity.pdbx_description
1 polymer RecQ
2 polymer "DNA (5'-D(P*GP*GP*GP*TP*CP*GP*GP*TP*GP*CP*CP*TP*TP*A)-3')"
3 non-polymer 'ZINC ION'
4 water water
#
loop_
_entity_poly.entity_id
_entity_poly.type
_entity_poly.pdbx_seq_one_letter_code
_entity_poly.pdbx_strand_id
1 'polypeptide(L)'
;MGSSHHHHHHSSGLVPRGSHMAQAEVYSQETLAKQVLQETFGYQQFRPGQATIIDAVLEGRDCLVVMPTGGGKSLCYQIP
ALVKTGLTIVVSPLISLMKDQVDQLLANGVAAACLNSTQSREEQQAVLAGCRTGQVRLLYIAPERLMMDNFIDTLGYWDL
AMVAVDEAHCISQWGHDFRPEYAALGQLRARFPAVPFMALTATADDTTRRDIVRLLGLDDPLIEISSFDRPNIRYMLMEK
FKPLDQLMRYVQEQRGKSGIIYCNSRAKVEDTAARLQSRGISAAAYHAGLEHEVRASVQEKFQRDDLQIVVATVAFGMGI
NKPNVRFVVHFDIPRNIESYYQETGRAGRDGLPAEAMLFYDPADMAWLRRCLEEKAPGPLQDIERHKLNAMGAFAEAQTC
RRLVLLNYFGEGRQAPCGNCDICLDPPRRYDGLVDAQKALSAIARVEQRFGMGYVVEVLRGANNQRIRELGHDKLKVYGI
GRDQSQEHWVSVIRQLIHLGVVTQNIAQHSALQLTEAARPFLRGEAPLMLAVPRVAALKPR
;
A
2 'polydeoxyribonucleotide'
;(DT)(DT)(DA)(DG)(DG)(DG)(DT)(DT)(DA)(DG)(DG)(DG)(DT)(DT)(DA)(DG)(DG)(DG)(DT)(DT)
(DA)(DG)(DG)(DG)(DT)(DC)(DG)(DG)(DT)(DG)(DC)(DC)(DT)(DT)(DA)(DC)(DT)
;
B
#
# COMPACT_ATOMS: atom_id res chain seq x y z
N GLU A 25 7.81 -33.66 23.08
CA GLU A 25 8.22 -34.26 21.84
C GLU A 25 8.86 -33.23 20.92
N VAL A 26 8.60 -31.98 21.24
CA VAL A 26 8.88 -30.82 20.41
C VAL A 26 10.31 -30.84 19.84
N TYR A 27 11.28 -31.28 20.64
CA TYR A 27 12.65 -31.34 20.16
C TYR A 27 12.78 -32.25 18.95
N SER A 28 12.03 -33.36 18.89
CA SER A 28 12.16 -34.29 17.77
C SER A 28 11.71 -33.67 16.46
N GLN A 29 10.59 -32.95 16.47
CA GLN A 29 10.09 -32.36 15.23
C GLN A 29 11.02 -31.26 14.72
N GLU A 30 11.60 -30.47 15.63
CA GLU A 30 12.49 -29.39 15.22
C GLU A 30 13.77 -29.93 14.57
N THR A 31 14.31 -31.04 15.09
CA THR A 31 15.50 -31.62 14.48
C THR A 31 15.23 -32.09 13.06
N LEU A 32 14.08 -32.74 12.84
CA LEU A 32 13.67 -33.06 11.47
C LEU A 32 13.58 -31.80 10.61
N ALA A 33 13.04 -30.72 11.18
CA ALA A 33 12.94 -29.47 10.44
C ALA A 33 14.31 -28.85 10.20
N LYS A 34 15.17 -28.88 11.22
CA LYS A 34 16.54 -28.38 11.05
C LYS A 34 17.25 -29.10 9.91
N GLN A 35 17.07 -30.42 9.83
CA GLN A 35 17.71 -31.20 8.76
C GLN A 35 17.22 -30.76 7.39
N VAL A 36 15.92 -30.52 7.25
CA VAL A 36 15.39 -30.03 5.98
C VAL A 36 15.96 -28.65 5.65
N LEU A 37 16.06 -27.80 6.67
CA LEU A 37 16.63 -26.46 6.46
C LEU A 37 18.04 -26.54 5.90
N GLN A 38 18.82 -27.53 6.34
CA GLN A 38 20.21 -27.65 5.88
C GLN A 38 20.31 -28.39 4.57
N GLU A 39 19.54 -29.47 4.40
CA GLU A 39 19.76 -30.37 3.27
C GLU A 39 19.15 -29.84 1.98
N THR A 40 17.89 -29.40 2.01
CA THR A 40 17.26 -28.94 0.78
C THR A 40 17.47 -27.46 0.51
N PHE A 41 17.69 -26.65 1.54
CA PHE A 41 17.84 -25.21 1.36
C PHE A 41 19.25 -24.69 1.60
N GLY A 42 20.11 -25.46 2.25
CA GLY A 42 21.48 -25.07 2.46
C GLY A 42 21.73 -24.08 3.58
N TYR A 43 20.69 -23.62 4.26
CA TYR A 43 20.88 -22.70 5.38
C TYR A 43 21.34 -23.45 6.62
N GLN A 44 21.91 -22.72 7.57
CA GLN A 44 22.59 -23.32 8.71
C GLN A 44 21.71 -23.40 9.97
N GLN A 45 21.06 -22.31 10.34
CA GLN A 45 20.31 -22.26 11.59
C GLN A 45 18.99 -21.54 11.36
N PHE A 46 18.05 -21.78 12.27
CA PHE A 46 16.80 -21.03 12.28
C PHE A 46 17.04 -19.63 12.82
N ARG A 47 16.35 -18.67 12.25
CA ARG A 47 16.38 -17.31 12.77
C ARG A 47 15.28 -17.13 13.79
N PRO A 48 15.39 -16.16 14.69
CA PRO A 48 14.44 -16.05 15.81
C PRO A 48 12.99 -16.01 15.33
N GLY A 49 12.16 -16.84 15.95
CA GLY A 49 10.77 -16.94 15.60
C GLY A 49 10.45 -17.97 14.52
N GLN A 50 11.42 -18.29 13.67
CA GLN A 50 11.22 -19.34 12.67
C GLN A 50 10.92 -20.68 13.35
N ALA A 51 11.71 -21.02 14.37
CA ALA A 51 11.52 -22.30 15.06
C ALA A 51 10.16 -22.38 15.74
N THR A 52 9.72 -21.28 16.37
CA THR A 52 8.46 -21.34 17.10
C THR A 52 7.26 -21.50 16.16
N ILE A 53 7.31 -20.86 14.99
CA ILE A 53 6.24 -21.03 14.02
C ILE A 53 6.22 -22.45 13.47
N ILE A 54 7.38 -22.95 13.07
CA ILE A 54 7.45 -24.30 12.49
C ILE A 54 7.09 -25.34 13.53
N ASP A 55 7.54 -25.16 14.77
CA ASP A 55 7.14 -26.07 15.85
C ASP A 55 5.62 -26.13 15.96
N ALA A 56 4.97 -24.97 16.03
CA ALA A 56 3.53 -24.92 16.24
C ALA A 56 2.77 -25.69 15.15
N VAL A 57 3.08 -25.39 13.89
CA VAL A 57 2.36 -26.03 12.80
C VAL A 57 2.67 -27.53 12.75
N LEU A 58 3.87 -27.94 13.15
CA LEU A 58 4.22 -29.35 13.12
C LEU A 58 3.49 -30.15 14.19
N GLU A 59 2.94 -29.50 15.21
CA GLU A 59 2.13 -30.20 16.21
C GLU A 59 0.64 -29.92 16.07
N GLY A 60 0.21 -29.42 14.91
CA GLY A 60 -1.19 -29.40 14.55
C GLY A 60 -1.91 -28.08 14.76
N ARG A 61 -1.23 -27.04 15.24
CA ARG A 61 -1.89 -25.78 15.54
C ARG A 61 -1.92 -24.87 14.32
N ASP A 62 -3.02 -24.13 14.17
CA ASP A 62 -3.12 -23.13 13.12
C ASP A 62 -2.20 -21.94 13.44
N CYS A 63 -1.83 -21.20 12.39
CA CYS A 63 -0.86 -20.13 12.56
C CYS A 63 -1.21 -18.96 11.65
N LEU A 64 -1.05 -17.74 12.18
CA LEU A 64 -1.09 -16.52 11.40
C LEU A 64 0.28 -15.86 11.52
N VAL A 65 0.96 -15.69 10.38
CA VAL A 65 2.32 -15.15 10.36
C VAL A 65 2.28 -13.80 9.66
N VAL A 66 2.68 -12.76 10.38
CA VAL A 66 2.81 -11.41 9.85
C VAL A 66 4.28 -11.06 9.92
N MET A 67 4.96 -11.06 8.78
CA MET A 67 6.42 -10.94 8.71
C MET A 67 6.82 -9.84 7.74
N PRO A 68 6.64 -8.56 8.14
CA PRO A 68 7.09 -7.46 7.28
C PRO A 68 8.59 -7.36 7.16
N THR A 69 9.35 -7.86 8.14
CA THR A 69 10.79 -7.99 8.04
C THR A 69 11.17 -9.41 8.45
N GLY A 70 12.22 -9.93 7.83
CA GLY A 70 12.69 -11.26 8.17
C GLY A 70 13.07 -12.12 6.98
N GLY A 71 12.38 -11.92 5.86
CA GLY A 71 12.71 -12.61 4.62
C GLY A 71 12.56 -14.13 4.66
N GLY A 72 12.14 -14.67 5.80
CA GLY A 72 11.95 -16.10 5.94
C GLY A 72 10.49 -16.49 5.95
N LYS A 73 9.67 -15.77 5.17
CA LYS A 73 8.25 -16.05 5.13
C LYS A 73 7.97 -17.41 4.50
N SER A 74 8.57 -17.68 3.34
CA SER A 74 8.24 -18.89 2.59
C SER A 74 8.73 -20.15 3.31
N LEU A 75 9.88 -20.07 3.98
CA LEU A 75 10.38 -21.23 4.72
C LEU A 75 9.41 -21.65 5.82
N CYS A 76 8.60 -20.72 6.32
CA CYS A 76 7.76 -21.02 7.47
C CYS A 76 6.70 -22.07 7.16
N TYR A 77 6.25 -22.15 5.91
CA TYR A 77 5.34 -23.23 5.53
C TYR A 77 6.00 -24.30 4.68
N GLN A 78 7.03 -23.95 3.90
CA GLN A 78 7.65 -24.94 3.03
C GLN A 78 8.42 -26.00 3.81
N ILE A 79 9.00 -25.65 4.96
CA ILE A 79 9.76 -26.62 5.74
C ILE A 79 8.81 -27.60 6.43
N PRO A 80 7.77 -27.16 7.14
CA PRO A 80 6.81 -28.15 7.68
C PRO A 80 6.14 -28.97 6.59
N ALA A 81 5.90 -28.38 5.42
CA ALA A 81 5.37 -29.14 4.30
C ALA A 81 6.26 -30.33 3.97
N LEU A 82 7.57 -30.11 3.98
CA LEU A 82 8.52 -31.18 3.66
C LEU A 82 8.74 -32.14 4.83
N VAL A 83 8.38 -31.74 6.04
CA VAL A 83 8.51 -32.63 7.19
C VAL A 83 7.26 -33.49 7.36
N LYS A 84 6.08 -32.92 7.13
CA LYS A 84 4.85 -33.69 7.22
C LYS A 84 4.77 -34.69 6.07
N THR A 85 4.15 -35.84 6.36
CA THR A 85 3.83 -36.81 5.32
C THR A 85 2.46 -36.46 4.76
N GLY A 86 2.40 -36.18 3.47
CA GLY A 86 1.18 -35.78 2.80
C GLY A 86 1.39 -34.57 1.93
N LEU A 87 0.28 -34.09 1.37
CA LEU A 87 0.31 -32.97 0.44
C LEU A 87 0.05 -31.65 1.17
N THR A 88 0.77 -30.61 0.76
CA THR A 88 0.53 -29.25 1.23
C THR A 88 -0.02 -28.44 0.06
N ILE A 89 -1.17 -27.81 0.27
CA ILE A 89 -1.77 -26.91 -0.71
C ILE A 89 -1.43 -25.49 -0.31
N VAL A 90 -0.88 -24.72 -1.24
CA VAL A 90 -0.50 -23.34 -1.01
C VAL A 90 -1.40 -22.47 -1.88
N VAL A 91 -2.27 -21.70 -1.24
CA VAL A 91 -3.17 -20.80 -1.96
C VAL A 91 -2.41 -19.54 -2.34
N SER A 92 -2.47 -19.18 -3.62
CA SER A 92 -1.63 -18.11 -4.14
C SER A 92 -2.46 -17.14 -4.97
N PRO A 93 -2.22 -15.83 -4.82
CA PRO A 93 -3.05 -14.85 -5.54
C PRO A 93 -2.71 -14.66 -7.01
N LEU A 94 -1.50 -14.98 -7.44
CA LEU A 94 -1.05 -14.63 -8.78
C LEU A 94 -0.35 -15.78 -9.48
N ILE A 95 -0.74 -16.02 -10.74
CA ILE A 95 -0.10 -17.08 -11.53
C ILE A 95 1.40 -16.91 -11.54
N SER A 96 1.87 -15.68 -11.75
CA SER A 96 3.30 -15.42 -11.81
C SER A 96 3.98 -15.75 -10.49
N LEU A 97 3.29 -15.51 -9.37
CA LEU A 97 3.84 -15.90 -8.07
C LEU A 97 3.93 -17.41 -7.95
N MET A 98 2.87 -18.13 -8.33
CA MET A 98 2.91 -19.60 -8.30
C MET A 98 4.11 -20.13 -9.06
N LYS A 99 4.32 -19.63 -10.28
CA LYS A 99 5.40 -20.15 -11.12
C LYS A 99 6.77 -19.86 -10.52
N ASP A 100 6.99 -18.62 -10.06
CA ASP A 100 8.27 -18.27 -9.45
C ASP A 100 8.54 -19.12 -8.23
N GLN A 101 7.53 -19.34 -7.38
CA GLN A 101 7.73 -20.12 -6.18
C GLN A 101 7.94 -21.60 -6.50
N VAL A 102 7.21 -22.12 -7.49
CA VAL A 102 7.42 -23.50 -7.92
C VAL A 102 8.83 -23.66 -8.50
N ASP A 103 9.25 -22.68 -9.31
CA ASP A 103 10.57 -22.74 -9.92
C ASP A 103 11.68 -22.83 -8.87
N GLN A 104 11.61 -21.97 -7.84
CA GLN A 104 12.64 -21.97 -6.81
C GLN A 104 12.66 -23.30 -6.06
N LEU A 105 11.48 -23.89 -5.85
CA LEU A 105 11.44 -25.17 -5.13
C LEU A 105 12.00 -26.31 -5.97
N LEU A 106 11.69 -26.34 -7.27
CA LEU A 106 12.25 -27.37 -8.13
C LEU A 106 13.76 -27.21 -8.27
N ALA A 107 14.24 -25.96 -8.30
CA ALA A 107 15.69 -25.74 -8.32
C ALA A 107 16.37 -26.33 -7.09
N ASN A 108 15.62 -26.46 -5.98
CA ASN A 108 16.13 -27.07 -4.76
C ASN A 108 15.80 -28.56 -4.66
N GLY A 109 15.28 -29.16 -5.74
CA GLY A 109 14.98 -30.58 -5.75
C GLY A 109 13.68 -30.97 -5.08
N VAL A 110 12.79 -30.02 -4.83
CA VAL A 110 11.54 -30.29 -4.12
C VAL A 110 10.44 -30.54 -5.13
N ALA A 111 9.60 -31.55 -4.86
CA ALA A 111 8.52 -31.93 -5.76
C ALA A 111 7.36 -30.95 -5.59
N ALA A 112 7.46 -29.82 -6.27
CA ALA A 112 6.43 -28.79 -6.25
C ALA A 112 5.76 -28.69 -7.61
N ALA A 113 4.49 -28.32 -7.61
CA ALA A 113 3.73 -28.15 -8.83
C ALA A 113 2.64 -27.12 -8.58
N CYS A 114 2.00 -26.69 -9.68
CA CYS A 114 0.93 -25.71 -9.59
C CYS A 114 -0.13 -26.03 -10.63
N LEU A 115 -1.28 -25.38 -10.48
CA LEU A 115 -2.42 -25.54 -11.38
C LEU A 115 -2.90 -24.15 -11.79
N ASN A 116 -3.09 -23.93 -13.09
CA ASN A 116 -3.58 -22.66 -13.58
C ASN A 116 -4.08 -22.82 -15.01
N SER A 117 -4.81 -21.81 -15.46
CA SER A 117 -5.47 -21.88 -16.76
C SER A 117 -4.50 -21.91 -17.93
N THR A 118 -3.28 -21.40 -17.76
CA THR A 118 -2.32 -21.38 -18.84
C THR A 118 -1.79 -22.77 -19.18
N GLN A 119 -2.08 -23.78 -18.36
CA GLN A 119 -1.66 -25.14 -18.66
C GLN A 119 -2.65 -25.82 -19.59
N SER A 120 -2.16 -26.81 -20.33
CA SER A 120 -3.04 -27.67 -21.11
C SER A 120 -3.76 -28.66 -20.20
N ARG A 121 -4.83 -29.24 -20.73
CA ARG A 121 -5.57 -30.25 -19.97
C ARG A 121 -4.68 -31.43 -19.63
N GLU A 122 -3.88 -31.89 -20.59
CA GLU A 122 -2.97 -33.01 -20.34
C GLU A 122 -1.96 -32.66 -19.25
N GLU A 123 -1.44 -31.43 -19.27
CA GLU A 123 -0.54 -31.00 -18.20
C GLU A 123 -1.22 -31.03 -16.84
N GLN A 124 -2.46 -30.55 -16.78
CA GLN A 124 -3.18 -30.52 -15.51
C GLN A 124 -3.46 -31.94 -15.01
N GLN A 125 -3.80 -32.85 -15.91
CA GLN A 125 -4.05 -34.23 -15.50
C GLN A 125 -2.81 -34.85 -14.88
N ALA A 126 -1.62 -34.52 -15.42
CA ALA A 126 -0.39 -35.06 -14.85
C ALA A 126 -0.13 -34.49 -13.46
N VAL A 127 -0.41 -33.21 -13.25
CA VAL A 127 -0.26 -32.62 -11.92
C VAL A 127 -1.18 -33.30 -10.92
N LEU A 128 -2.45 -33.49 -11.32
CA LEU A 128 -3.42 -34.08 -10.41
C LEU A 128 -3.08 -35.55 -10.10
N ALA A 129 -2.57 -36.27 -11.10
CA ALA A 129 -2.13 -37.65 -10.87
C ALA A 129 -1.00 -37.67 -9.84
N GLY A 130 -0.03 -36.78 -9.98
CA GLY A 130 1.03 -36.69 -8.99
C GLY A 130 0.53 -36.32 -7.61
N CYS A 131 -0.59 -35.58 -7.54
CA CYS A 131 -1.16 -35.21 -6.26
C CYS A 131 -1.82 -36.40 -5.58
N ARG A 132 -2.52 -37.22 -6.35
CA ARG A 132 -3.17 -38.39 -5.83
C ARG A 132 -2.14 -39.41 -5.42
N THR A 133 -1.06 -39.49 -6.18
CA THR A 133 0.00 -40.45 -5.91
C THR A 133 0.87 -40.00 -4.75
N GLY A 134 1.00 -38.70 -4.53
CA GLY A 134 1.89 -38.18 -3.53
C GLY A 134 3.26 -37.82 -4.03
N GLN A 135 3.51 -37.97 -5.33
CA GLN A 135 4.74 -37.44 -5.91
C GLN A 135 4.86 -35.94 -5.64
N VAL A 136 3.75 -35.21 -5.79
CA VAL A 136 3.74 -33.78 -5.51
C VAL A 136 3.62 -33.57 -4.02
N ARG A 137 4.51 -32.74 -3.47
CA ARG A 137 4.49 -32.41 -2.05
C ARG A 137 3.88 -31.04 -1.76
N LEU A 138 3.98 -30.10 -2.69
CA LEU A 138 3.39 -28.77 -2.55
C LEU A 138 2.67 -28.43 -3.83
N LEU A 139 1.41 -28.02 -3.71
CA LEU A 139 0.59 -27.66 -4.87
C LEU A 139 0.17 -26.22 -4.74
N TYR A 140 0.55 -25.39 -5.71
CA TYR A 140 0.15 -23.99 -5.74
C TYR A 140 -1.09 -23.85 -6.61
N ILE A 141 -2.07 -23.08 -6.12
CA ILE A 141 -3.37 -23.03 -6.76
C ILE A 141 -4.06 -21.74 -6.33
N ALA A 142 -4.87 -21.18 -7.24
CA ALA A 142 -5.65 -19.99 -6.95
C ALA A 142 -6.97 -20.37 -6.27
N PRO A 143 -7.54 -19.47 -5.46
CA PRO A 143 -8.78 -19.83 -4.75
C PRO A 143 -9.94 -20.17 -5.67
N GLU A 144 -10.03 -19.49 -6.83
CA GLU A 144 -11.15 -19.73 -7.73
C GLU A 144 -11.16 -21.16 -8.23
N ARG A 145 -9.98 -21.75 -8.45
CA ARG A 145 -9.91 -23.15 -8.85
C ARG A 145 -10.19 -24.08 -7.67
N LEU A 146 -9.59 -23.78 -6.52
CA LEU A 146 -9.64 -24.71 -5.40
C LEU A 146 -11.04 -24.81 -4.79
N MET A 147 -11.81 -23.73 -4.83
CA MET A 147 -13.11 -23.70 -4.17
C MET A 147 -14.23 -24.25 -5.03
N MET A 148 -13.94 -24.67 -6.26
CA MET A 148 -14.96 -25.34 -7.08
C MET A 148 -15.45 -26.58 -6.36
N ASP A 149 -16.77 -26.77 -6.32
CA ASP A 149 -17.37 -27.82 -5.51
C ASP A 149 -16.83 -29.19 -5.87
N ASN A 150 -16.72 -29.49 -7.17
CA ASN A 150 -16.22 -30.79 -7.58
C ASN A 150 -14.73 -30.95 -7.29
N PHE A 151 -13.96 -29.85 -7.37
CA PHE A 151 -12.55 -29.92 -7.04
C PHE A 151 -12.34 -30.29 -5.58
N ILE A 152 -13.11 -29.66 -4.68
CA ILE A 152 -13.00 -29.97 -3.25
C ILE A 152 -13.35 -31.43 -2.99
N ASP A 153 -14.22 -32.02 -3.81
CA ASP A 153 -14.57 -33.42 -3.61
C ASP A 153 -13.38 -34.33 -3.88
N THR A 154 -12.61 -34.06 -4.94
CA THR A 154 -11.43 -34.87 -5.22
C THR A 154 -10.32 -34.65 -4.20
N LEU A 155 -10.34 -33.52 -3.48
CA LEU A 155 -9.36 -33.30 -2.43
C LEU A 155 -9.45 -34.34 -1.33
N GLY A 156 -10.67 -34.77 -1.01
CA GLY A 156 -10.85 -35.72 0.08
C GLY A 156 -10.15 -37.04 -0.16
N TYR A 157 -9.94 -37.40 -1.43
CA TYR A 157 -9.27 -38.64 -1.78
C TYR A 157 -7.76 -38.45 -2.00
N TRP A 158 -7.18 -37.40 -1.43
CA TRP A 158 -5.74 -37.21 -1.34
C TRP A 158 -5.31 -37.28 0.12
N ASP A 159 -4.01 -37.27 0.35
CA ASP A 159 -3.46 -37.17 1.71
C ASP A 159 -3.07 -35.73 1.94
N LEU A 160 -4.01 -34.94 2.46
CA LEU A 160 -3.78 -33.52 2.70
C LEU A 160 -3.08 -33.34 4.05
N ALA A 161 -1.90 -32.76 4.03
CA ALA A 161 -1.10 -32.56 5.23
C ALA A 161 -1.23 -31.18 5.84
N MET A 162 -1.45 -30.16 5.01
CA MET A 162 -1.48 -28.77 5.47
C MET A 162 -2.01 -27.90 4.35
N VAL A 163 -2.66 -26.80 4.73
CA VAL A 163 -3.02 -25.73 3.81
C VAL A 163 -2.32 -24.47 4.28
N ALA A 164 -1.65 -23.77 3.35
CA ALA A 164 -1.00 -22.51 3.63
C ALA A 164 -1.52 -21.47 2.65
N VAL A 165 -1.98 -20.34 3.17
CA VAL A 165 -2.48 -19.24 2.34
C VAL A 165 -1.42 -18.16 2.34
N ASP A 166 -0.72 -18.00 1.22
CA ASP A 166 0.26 -16.95 1.07
C ASP A 166 -0.44 -15.61 0.81
N GLU A 167 0.27 -14.52 1.08
CA GLU A 167 -0.27 -13.18 0.98
C GLU A 167 -1.70 -13.12 1.52
N ALA A 168 -1.85 -13.61 2.76
CA ALA A 168 -3.18 -13.83 3.34
C ALA A 168 -3.97 -12.54 3.47
N HIS A 169 -3.32 -11.38 3.47
CA HIS A 169 -4.03 -10.11 3.49
C HIS A 169 -5.00 -9.97 2.32
N CYS A 170 -4.80 -10.76 1.26
CA CYS A 170 -5.75 -10.76 0.14
C CYS A 170 -7.12 -11.25 0.58
N ILE A 171 -7.16 -12.17 1.57
CA ILE A 171 -8.44 -12.64 2.10
C ILE A 171 -9.32 -11.46 2.50
N SER A 172 -8.74 -10.49 3.20
CA SER A 172 -9.45 -9.30 3.65
C SER A 172 -9.48 -8.20 2.59
N GLN A 173 -8.37 -8.02 1.87
CA GLN A 173 -8.30 -6.92 0.92
C GLN A 173 -9.14 -7.18 -0.32
N TRP A 174 -9.35 -8.45 -0.69
CA TRP A 174 -10.09 -8.79 -1.89
C TRP A 174 -11.32 -9.66 -1.65
N GLY A 175 -11.41 -10.34 -0.51
CA GLY A 175 -12.47 -11.31 -0.30
C GLY A 175 -13.86 -10.71 -0.20
N HIS A 176 -13.98 -9.40 -0.03
CA HIS A 176 -15.28 -8.76 0.17
C HIS A 176 -15.87 -8.18 -1.10
N ASP A 177 -15.08 -8.03 -2.17
CA ASP A 177 -15.61 -7.43 -3.39
C ASP A 177 -14.92 -7.97 -4.63
N PHE A 178 -13.59 -7.82 -4.70
CA PHE A 178 -12.87 -8.04 -5.95
C PHE A 178 -12.80 -9.52 -6.31
N ARG A 179 -12.47 -10.38 -5.34
CA ARG A 179 -12.32 -11.82 -5.58
C ARG A 179 -12.97 -12.56 -4.42
N PRO A 180 -14.28 -12.80 -4.51
CA PRO A 180 -15.01 -13.36 -3.35
C PRO A 180 -14.58 -14.75 -2.94
N GLU A 181 -13.95 -15.53 -3.82
CA GLU A 181 -13.51 -16.86 -3.43
C GLU A 181 -12.43 -16.82 -2.35
N TYR A 182 -11.80 -15.67 -2.14
CA TYR A 182 -10.83 -15.56 -1.05
C TYR A 182 -11.51 -15.61 0.31
N ALA A 183 -12.78 -15.21 0.39
CA ALA A 183 -13.54 -15.30 1.64
C ALA A 183 -14.19 -16.67 1.83
N ALA A 184 -14.07 -17.57 0.85
CA ALA A 184 -14.68 -18.89 0.93
C ALA A 184 -13.70 -19.96 1.41
N LEU A 185 -12.43 -19.61 1.60
CA LEU A 185 -11.45 -20.60 2.05
C LEU A 185 -11.82 -21.20 3.40
N GLY A 186 -12.61 -20.47 4.20
CA GLY A 186 -13.12 -21.04 5.43
C GLY A 186 -13.95 -22.29 5.21
N GLN A 187 -14.69 -22.36 4.09
CA GLN A 187 -15.42 -23.57 3.75
C GLN A 187 -14.47 -24.76 3.62
N LEU A 188 -13.29 -24.52 3.07
CA LEU A 188 -12.28 -25.56 2.98
C LEU A 188 -11.79 -25.96 4.37
N ARG A 189 -11.52 -24.96 5.23
CA ARG A 189 -11.03 -25.24 6.58
C ARG A 189 -12.04 -26.05 7.39
N ALA A 190 -13.33 -25.77 7.18
CA ALA A 190 -14.36 -26.54 7.88
C ALA A 190 -14.46 -27.96 7.33
N ARG A 191 -14.11 -28.16 6.06
CA ARG A 191 -14.23 -29.49 5.46
C ARG A 191 -13.12 -30.41 5.93
N PHE A 192 -11.98 -29.86 6.33
CA PHE A 192 -10.82 -30.66 6.77
C PHE A 192 -10.39 -30.08 8.12
N PRO A 193 -11.12 -30.40 9.19
CA PRO A 193 -10.79 -29.81 10.50
C PRO A 193 -9.47 -30.31 11.08
N ALA A 194 -9.00 -31.48 10.70
CA ALA A 194 -7.80 -32.06 11.28
C ALA A 194 -6.53 -31.74 10.51
N VAL A 195 -6.61 -30.86 9.51
CA VAL A 195 -5.43 -30.45 8.75
C VAL A 195 -5.07 -29.03 9.19
N PRO A 196 -3.85 -28.78 9.65
CA PRO A 196 -3.50 -27.45 10.11
C PRO A 196 -3.46 -26.45 8.96
N PHE A 197 -3.88 -25.22 9.27
CA PHE A 197 -3.90 -24.13 8.31
C PHE A 197 -2.93 -23.04 8.74
N MET A 198 -2.24 -22.47 7.77
CA MET A 198 -1.36 -21.33 7.99
C MET A 198 -1.79 -20.16 7.12
N ALA A 199 -1.82 -18.97 7.69
CA ALA A 199 -1.95 -17.74 6.94
C ALA A 199 -0.67 -16.94 7.12
N LEU A 200 -0.10 -16.49 6.00
CA LEU A 200 1.17 -15.78 6.00
C LEU A 200 1.04 -14.51 5.16
N THR A 201 1.56 -13.41 5.69
CA THR A 201 1.52 -12.15 4.95
C THR A 201 2.63 -11.26 5.46
N ALA A 202 2.91 -10.21 4.69
CA ALA A 202 3.93 -9.23 5.03
C ALA A 202 3.36 -7.95 5.63
N THR A 203 2.12 -7.59 5.30
CA THR A 203 1.51 -6.37 5.80
C THR A 203 0.10 -6.67 6.28
N ALA A 204 -0.17 -6.37 7.56
CA ALA A 204 -1.50 -6.54 8.13
C ALA A 204 -1.62 -5.84 9.47
N ASP A 205 -2.55 -4.89 9.58
CA ASP A 205 -2.84 -4.28 10.87
C ASP A 205 -3.83 -5.17 11.64
N ASP A 206 -4.30 -4.67 12.80
CA ASP A 206 -5.13 -5.49 13.67
C ASP A 206 -6.44 -5.90 12.99
N THR A 207 -7.08 -4.95 12.31
CA THR A 207 -8.34 -5.25 11.63
C THR A 207 -8.17 -6.38 10.61
N THR A 208 -7.09 -6.32 9.83
CA THR A 208 -6.84 -7.36 8.84
C THR A 208 -6.50 -8.69 9.49
N ARG A 209 -5.77 -8.66 10.61
CA ARG A 209 -5.43 -9.91 11.28
CA ARG A 209 -5.43 -9.89 11.34
C ARG A 209 -6.68 -10.65 11.74
N ARG A 210 -7.59 -9.96 12.44
CA ARG A 210 -8.80 -10.62 12.93
C ARG A 210 -9.69 -11.07 11.77
N ASP A 211 -9.72 -10.30 10.68
CA ASP A 211 -10.50 -10.69 9.52
C ASP A 211 -9.97 -11.98 8.89
N ILE A 212 -8.64 -12.13 8.86
CA ILE A 212 -8.05 -13.35 8.33
C ILE A 212 -8.44 -14.54 9.20
N VAL A 213 -8.30 -14.40 10.52
CA VAL A 213 -8.71 -15.46 11.43
C VAL A 213 -10.18 -15.79 11.22
N ARG A 214 -11.02 -14.75 11.09
CA ARG A 214 -12.46 -14.94 10.98
C ARG A 214 -12.83 -15.63 9.67
N LEU A 215 -12.35 -15.11 8.54
CA LEU A 215 -12.74 -15.62 7.23
C LEU A 215 -12.09 -16.94 6.87
N LEU A 216 -10.95 -17.26 7.47
CA LEU A 216 -10.27 -18.52 7.20
C LEU A 216 -10.62 -19.61 8.21
N GLY A 217 -11.26 -19.26 9.32
CA GLY A 217 -11.65 -20.25 10.29
C GLY A 217 -10.51 -20.85 11.08
N LEU A 218 -9.44 -20.09 11.31
CA LEU A 218 -8.34 -20.60 12.11
C LEU A 218 -8.79 -20.82 13.54
N ASP A 219 -8.38 -21.95 14.11
CA ASP A 219 -8.77 -22.35 15.47
C ASP A 219 -7.65 -21.96 16.43
N ASP A 220 -7.92 -20.95 17.27
CA ASP A 220 -6.98 -20.36 18.22
C ASP A 220 -5.57 -20.31 17.65
N PRO A 221 -5.33 -19.52 16.61
CA PRO A 221 -4.04 -19.58 15.93
C PRO A 221 -2.93 -18.95 16.75
N LEU A 222 -1.74 -19.53 16.65
CA LEU A 222 -0.53 -18.83 17.06
C LEU A 222 -0.34 -17.62 16.16
N ILE A 223 -0.27 -16.44 16.76
CA ILE A 223 -0.10 -15.20 16.03
C ILE A 223 1.31 -14.68 16.31
N GLU A 224 2.13 -14.62 15.26
CA GLU A 224 3.51 -14.18 15.37
C GLU A 224 3.71 -12.98 14.47
N ILE A 225 4.06 -11.84 15.08
CA ILE A 225 4.22 -10.58 14.37
C ILE A 225 5.65 -10.12 14.57
N SER A 226 6.37 -9.91 13.47
CA SER A 226 7.71 -9.36 13.52
C SER A 226 7.64 -7.84 13.33
N SER A 227 8.80 -7.19 13.38
CA SER A 227 8.86 -5.75 13.42
C SER A 227 8.56 -5.14 12.05
N PHE A 228 7.95 -3.96 12.08
CA PHE A 228 7.62 -3.20 10.89
C PHE A 228 8.68 -2.16 10.52
N ASP A 229 9.74 -2.05 11.32
CA ASP A 229 10.74 -1.02 11.11
C ASP A 229 11.66 -1.39 9.94
N ARG A 230 11.73 -0.52 8.94
CA ARG A 230 12.71 -0.60 7.86
C ARG A 230 13.65 0.59 8.00
N PRO A 231 14.72 0.48 8.79
CA PRO A 231 15.54 1.66 9.10
C PRO A 231 16.16 2.32 7.89
N ASN A 232 16.43 1.57 6.82
CA ASN A 232 17.10 2.13 5.65
C ASN A 232 16.15 2.89 4.72
N ILE A 233 14.84 2.79 4.93
CA ILE A 233 13.88 3.54 4.14
C ILE A 233 13.64 4.89 4.80
N ARG A 234 13.67 5.96 4.00
CA ARG A 234 13.44 7.32 4.47
C ARG A 234 12.07 7.76 3.99
N TYR A 235 11.15 7.98 4.93
CA TYR A 235 9.78 8.36 4.61
C TYR A 235 9.69 9.87 4.45
N MET A 236 9.33 10.33 3.26
CA MET A 236 9.29 11.74 2.93
C MET A 236 7.93 12.10 2.35
N LEU A 237 7.51 13.34 2.59
CA LEU A 237 6.28 13.88 2.05
C LEU A 237 6.53 15.28 1.52
N MET A 238 5.92 15.58 0.38
CA MET A 238 5.98 16.90 -0.23
C MET A 238 4.58 17.29 -0.64
N GLU A 239 4.19 18.53 -0.34
CA GLU A 239 2.86 18.99 -0.69
C GLU A 239 2.79 19.30 -2.17
N LYS A 240 1.73 18.83 -2.82
CA LYS A 240 1.55 18.97 -4.26
C LYS A 240 1.12 20.39 -4.57
N PHE A 241 1.99 21.15 -5.23
CA PHE A 241 1.68 22.51 -5.64
C PHE A 241 1.69 22.63 -7.17
N LYS A 242 2.79 22.28 -7.82
CA LYS A 242 2.85 22.08 -9.27
C LYS A 242 3.29 20.65 -9.49
N PRO A 243 2.35 19.70 -9.49
CA PRO A 243 2.70 18.28 -9.41
C PRO A 243 3.68 17.78 -10.46
N LEU A 244 3.38 17.98 -11.75
CA LEU A 244 4.24 17.48 -12.80
C LEU A 244 5.65 18.05 -12.69
N ASP A 245 5.75 19.35 -12.41
CA ASP A 245 7.06 19.98 -12.29
C ASP A 245 7.84 19.43 -11.10
N GLN A 246 7.17 19.27 -9.95
CA GLN A 246 7.83 18.68 -8.79
C GLN A 246 8.23 17.25 -9.06
N LEU A 247 7.35 16.48 -9.73
CA LEU A 247 7.69 15.10 -10.08
C LEU A 247 8.87 15.06 -11.04
N MET A 248 8.92 15.98 -11.99
CA MET A 248 10.06 16.07 -12.90
C MET A 248 11.34 16.38 -12.13
N ARG A 249 11.29 17.38 -11.26
CA ARG A 249 12.48 17.77 -10.50
C ARG A 249 12.96 16.63 -9.61
N TYR A 250 12.03 15.93 -8.95
CA TYR A 250 12.43 14.86 -8.04
C TYR A 250 13.13 13.74 -8.80
N VAL A 251 12.64 13.38 -9.97
CA VAL A 251 13.23 12.28 -10.73
C VAL A 251 14.60 12.67 -11.25
N GLN A 252 14.73 13.87 -11.80
CA GLN A 252 16.01 14.30 -12.33
C GLN A 252 17.07 14.44 -11.24
N GLU A 253 16.66 14.60 -9.98
CA GLU A 253 17.60 14.57 -8.87
C GLU A 253 17.99 13.15 -8.44
N GLN A 254 17.31 12.13 -8.96
CA GLN A 254 17.65 10.76 -8.63
C GLN A 254 18.84 10.24 -9.42
N ARG A 255 19.23 10.92 -10.51
CA ARG A 255 20.47 10.62 -11.22
C ARG A 255 20.55 9.17 -11.69
N GLY A 256 19.40 8.61 -12.07
CA GLY A 256 19.39 7.35 -12.78
C GLY A 256 19.26 6.08 -11.96
N LYS A 257 19.03 6.17 -10.66
CA LYS A 257 18.79 4.93 -9.94
C LYS A 257 17.34 4.47 -10.14
N SER A 258 17.09 3.22 -9.80
CA SER A 258 15.82 2.58 -10.09
C SER A 258 14.74 3.07 -9.13
N GLY A 259 13.50 3.08 -9.63
CA GLY A 259 12.39 3.52 -8.80
C GLY A 259 11.07 3.22 -9.46
N ILE A 260 10.01 3.33 -8.65
CA ILE A 260 8.64 3.12 -9.10
C ILE A 260 7.82 4.36 -8.76
N ILE A 261 6.98 4.78 -9.69
CA ILE A 261 6.04 5.88 -9.48
C ILE A 261 4.63 5.30 -9.56
N TYR A 262 3.90 5.41 -8.46
CA TYR A 262 2.53 4.91 -8.40
C TYR A 262 1.55 6.06 -8.64
N CYS A 263 0.55 5.82 -9.47
CA CYS A 263 -0.58 6.72 -9.64
C CYS A 263 -1.86 5.92 -9.49
N ASN A 264 -2.99 6.64 -9.47
CA ASN A 264 -4.28 5.97 -9.39
C ASN A 264 -4.68 5.38 -10.74
N SER A 265 -4.90 6.24 -11.73
CA SER A 265 -5.57 5.86 -12.96
C SER A 265 -4.61 5.40 -14.05
N ARG A 266 -5.08 4.45 -14.86
CA ARG A 266 -4.32 4.02 -16.02
C ARG A 266 -3.98 5.20 -16.93
N ALA A 267 -4.92 6.12 -17.11
CA ALA A 267 -4.68 7.27 -17.98
C ALA A 267 -3.52 8.11 -17.46
N LYS A 268 -3.43 8.30 -16.14
CA LYS A 268 -2.38 9.12 -15.57
C LYS A 268 -1.02 8.45 -15.73
N VAL A 269 -0.91 7.16 -15.41
CA VAL A 269 0.38 6.48 -15.52
C VAL A 269 0.86 6.47 -16.95
N GLU A 270 -0.06 6.45 -17.92
CA GLU A 270 0.35 6.50 -19.32
C GLU A 270 0.84 7.89 -19.69
N ASP A 271 0.18 8.93 -19.18
CA ASP A 271 0.61 10.30 -19.48
C ASP A 271 1.98 10.58 -18.88
N THR A 272 2.13 10.34 -17.57
CA THR A 272 3.37 10.71 -16.90
C THR A 272 4.53 9.96 -17.55
N ALA A 273 4.33 8.69 -17.91
CA ALA A 273 5.40 7.95 -18.57
C ALA A 273 5.88 8.69 -19.81
N ALA A 274 4.94 9.11 -20.67
CA ALA A 274 5.31 9.81 -21.89
C ALA A 274 6.03 11.13 -21.60
N ARG A 275 5.68 11.80 -20.51
CA ARG A 275 6.37 13.04 -20.16
C ARG A 275 7.81 12.78 -19.78
N LEU A 276 8.07 11.69 -19.04
CA LEU A 276 9.46 11.37 -18.68
C LEU A 276 10.23 10.82 -19.87
N GLN A 277 9.58 10.04 -20.72
CA GLN A 277 10.21 9.65 -21.98
C GLN A 277 10.43 10.83 -22.91
N SER A 278 9.72 11.93 -22.70
CA SER A 278 9.99 13.15 -23.45
C SER A 278 11.33 13.77 -23.09
N ARG A 279 11.91 13.39 -21.95
CA ARG A 279 13.18 13.93 -21.49
C ARG A 279 14.36 13.03 -21.78
N GLY A 280 14.12 11.79 -22.19
CA GLY A 280 15.18 10.81 -22.30
C GLY A 280 15.35 9.94 -21.08
N ILE A 281 14.44 10.03 -20.11
CA ILE A 281 14.49 9.19 -18.92
C ILE A 281 13.90 7.83 -19.25
N SER A 282 14.65 6.77 -18.97
CA SER A 282 14.16 5.40 -19.11
C SER A 282 12.95 5.19 -18.21
N ALA A 283 11.76 5.06 -18.79
CA ALA A 283 10.54 4.94 -18.02
C ALA A 283 9.45 4.28 -18.86
N ALA A 284 8.67 3.41 -18.24
CA ALA A 284 7.61 2.69 -18.95
C ALA A 284 6.39 2.54 -18.05
N ALA A 285 5.21 2.66 -18.66
CA ALA A 285 3.95 2.51 -17.94
C ALA A 285 3.66 1.03 -17.67
N TYR A 286 2.93 0.78 -16.59
CA TYR A 286 2.51 -0.57 -16.22
C TYR A 286 1.14 -0.50 -15.60
N HIS A 287 0.17 -1.19 -16.21
CA HIS A 287 -1.16 -1.31 -15.65
C HIS A 287 -1.83 -2.52 -16.27
N ALA A 288 -2.96 -2.92 -15.69
CA ALA A 288 -3.64 -4.14 -16.13
C ALA A 288 -4.33 -4.00 -17.47
N GLY A 289 -4.46 -2.78 -18.00
CA GLY A 289 -4.98 -2.61 -19.35
C GLY A 289 -4.05 -3.06 -20.44
N LEU A 290 -2.77 -3.25 -20.14
CA LEU A 290 -1.81 -3.72 -21.12
C LEU A 290 -1.90 -5.25 -21.25
N GLU A 291 -1.68 -5.74 -22.46
CA GLU A 291 -1.62 -7.18 -22.67
C GLU A 291 -0.55 -7.79 -21.78
N HIS A 292 -0.74 -9.06 -21.42
CA HIS A 292 0.05 -9.64 -20.34
C HIS A 292 1.52 -9.74 -20.70
N GLU A 293 1.85 -10.16 -21.92
CA GLU A 293 3.25 -10.30 -22.28
C GLU A 293 3.97 -8.96 -22.34
N VAL A 294 3.24 -7.86 -22.53
CA VAL A 294 3.84 -6.55 -22.32
C VAL A 294 4.18 -6.35 -20.86
N ARG A 295 3.28 -6.75 -19.96
CA ARG A 295 3.55 -6.65 -18.53
C ARG A 295 4.78 -7.45 -18.13
N ALA A 296 4.93 -8.65 -18.70
CA ALA A 296 6.07 -9.49 -18.35
C ALA A 296 7.38 -8.87 -18.82
N SER A 297 7.36 -8.22 -19.98
CA SER A 297 8.58 -7.62 -20.52
C SER A 297 9.00 -6.39 -19.73
N VAL A 298 8.03 -5.57 -19.32
CA VAL A 298 8.35 -4.39 -18.50
C VAL A 298 8.88 -4.82 -17.14
N GLN A 299 8.23 -5.80 -16.52
CA GLN A 299 8.70 -6.29 -15.23
C GLN A 299 10.10 -6.89 -15.34
N GLU A 300 10.39 -7.56 -16.45
CA GLU A 300 11.69 -8.20 -16.60
C GLU A 300 12.79 -7.18 -16.91
N LYS A 301 12.52 -6.25 -17.83
CA LYS A 301 13.50 -5.20 -18.11
C LYS A 301 13.83 -4.40 -16.86
N PHE A 302 12.80 -4.07 -16.07
CA PHE A 302 13.01 -3.35 -14.82
C PHE A 302 13.89 -4.15 -13.86
N GLN A 303 13.64 -5.46 -13.75
CA GLN A 303 14.33 -6.25 -12.75
C GLN A 303 15.77 -6.55 -13.16
N ARG A 304 16.03 -6.77 -14.44
CA ARG A 304 17.40 -6.90 -14.91
C ARG A 304 18.09 -5.54 -15.08
N ASP A 305 17.44 -4.47 -14.63
CA ASP A 305 17.98 -3.11 -14.58
C ASP A 305 18.22 -2.50 -15.95
N ASP A 306 17.53 -2.98 -16.98
CA ASP A 306 17.55 -2.34 -18.28
C ASP A 306 16.42 -1.33 -18.44
N LEU A 307 15.66 -1.10 -17.38
CA LEU A 307 14.62 -0.07 -17.32
C LEU A 307 14.75 0.62 -15.98
N GLN A 308 14.81 1.95 -16.00
CA GLN A 308 15.09 2.68 -14.77
C GLN A 308 13.84 2.86 -13.91
N ILE A 309 12.75 3.33 -14.51
CA ILE A 309 11.56 3.74 -13.77
C ILE A 309 10.34 3.03 -14.35
N VAL A 310 9.48 2.54 -13.48
CA VAL A 310 8.18 2.00 -13.87
C VAL A 310 7.10 2.90 -13.30
N VAL A 311 6.29 3.49 -14.19
CA VAL A 311 5.08 4.20 -13.80
C VAL A 311 3.95 3.20 -13.76
N ALA A 312 3.21 3.15 -12.65
CA ALA A 312 2.32 2.01 -12.49
C ALA A 312 1.12 2.33 -11.61
N THR A 313 0.03 1.61 -11.89
CA THR A 313 -1.08 1.45 -10.97
C THR A 313 -0.72 0.40 -9.92
N VAL A 314 -1.68 0.10 -9.03
CA VAL A 314 -1.47 -0.94 -8.02
C VAL A 314 -1.26 -2.31 -8.63
N ALA A 315 -1.45 -2.45 -9.96
CA ALA A 315 -1.22 -3.73 -10.62
C ALA A 315 0.24 -4.17 -10.47
N PHE A 316 1.17 -3.22 -10.41
CA PHE A 316 2.59 -3.50 -10.21
C PHE A 316 2.81 -3.66 -8.71
N GLY A 317 2.64 -4.89 -8.22
CA GLY A 317 2.72 -5.11 -6.79
C GLY A 317 3.40 -6.39 -6.36
N MET A 318 2.60 -7.40 -6.03
CA MET A 318 3.13 -8.63 -5.47
C MET A 318 4.05 -9.33 -6.45
N GLY A 319 5.10 -9.96 -5.92
CA GLY A 319 5.99 -10.77 -6.72
C GLY A 319 7.11 -10.04 -7.42
N ILE A 320 7.37 -8.79 -7.06
CA ILE A 320 8.46 -8.03 -7.67
C ILE A 320 9.73 -8.31 -6.86
N ASN A 321 10.62 -9.10 -7.45
CA ASN A 321 11.87 -9.55 -6.83
C ASN A 321 12.97 -8.63 -7.34
N LYS A 322 13.14 -7.49 -6.66
CA LYS A 322 14.16 -6.53 -7.06
C LYS A 322 14.81 -5.91 -5.84
N PRO A 323 16.08 -6.24 -5.56
CA PRO A 323 16.69 -5.82 -4.29
C PRO A 323 17.10 -4.36 -4.22
N ASN A 324 17.15 -3.63 -5.32
CA ASN A 324 17.78 -2.32 -5.32
C ASN A 324 16.88 -1.24 -5.88
N VAL A 325 15.58 -1.29 -5.57
CA VAL A 325 14.73 -0.14 -5.81
C VAL A 325 15.11 0.94 -4.80
N ARG A 326 15.56 2.09 -5.30
CA ARG A 326 16.08 3.13 -4.42
C ARG A 326 15.08 4.22 -4.09
N PHE A 327 13.96 4.31 -4.83
CA PHE A 327 12.91 5.25 -4.46
C PHE A 327 11.56 4.71 -4.92
N VAL A 328 10.58 4.91 -4.02
CA VAL A 328 9.20 4.68 -4.45
C VAL A 328 8.44 5.97 -4.21
N VAL A 329 7.76 6.39 -5.30
CA VAL A 329 7.03 7.65 -5.28
C VAL A 329 5.55 7.34 -5.36
N HIS A 330 4.77 7.96 -4.49
CA HIS A 330 3.31 7.95 -4.59
C HIS A 330 2.87 9.33 -5.09
N PHE A 331 2.57 9.39 -6.39
CA PHE A 331 2.05 10.63 -6.95
C PHE A 331 0.63 10.91 -6.48
N ASP A 332 -0.12 9.86 -6.14
CA ASP A 332 -1.42 9.97 -5.52
C ASP A 332 -1.38 9.25 -4.19
N ILE A 333 -2.00 9.83 -3.17
CA ILE A 333 -1.99 9.19 -1.86
C ILE A 333 -2.74 7.86 -1.94
N PRO A 334 -2.24 6.78 -1.33
CA PRO A 334 -2.99 5.52 -1.36
C PRO A 334 -4.25 5.58 -0.52
N ARG A 335 -5.04 4.50 -0.56
CA ARG A 335 -6.31 4.45 0.18
C ARG A 335 -6.17 4.11 1.66
N ASN A 336 -5.12 3.41 2.03
CA ASN A 336 -4.94 3.03 3.43
C ASN A 336 -3.46 2.78 3.71
N ILE A 337 -3.11 2.78 5.00
CA ILE A 337 -1.72 2.70 5.42
C ILE A 337 -1.11 1.36 5.02
N GLU A 338 -1.91 0.29 5.04
CA GLU A 338 -1.40 -1.02 4.63
C GLU A 338 -0.89 -0.98 3.19
N SER A 339 -1.66 -0.39 2.27
CA SER A 339 -1.24 -0.27 0.89
C SER A 339 0.03 0.56 0.78
N TYR A 340 0.05 1.71 1.44
CA TYR A 340 1.23 2.57 1.42
C TYR A 340 2.45 1.84 1.98
N TYR A 341 2.29 1.13 3.10
CA TYR A 341 3.41 0.40 3.68
C TYR A 341 3.90 -0.69 2.73
N GLN A 342 2.98 -1.49 2.21
CA GLN A 342 3.36 -2.56 1.30
C GLN A 342 4.05 -2.01 0.06
N GLU A 343 3.59 -0.86 -0.45
CA GLU A 343 4.14 -0.32 -1.67
C GLU A 343 5.50 0.33 -1.44
N THR A 344 5.63 1.16 -0.40
CA THR A 344 6.94 1.73 -0.07
C THR A 344 7.92 0.64 0.33
N GLY A 345 7.41 -0.45 0.92
CA GLY A 345 8.26 -1.57 1.34
C GLY A 345 8.99 -2.25 0.20
N ARG A 346 8.63 -1.97 -1.05
CA ARG A 346 9.36 -2.53 -2.18
C ARG A 346 10.71 -1.84 -2.39
N ALA A 347 10.97 -0.74 -1.68
CA ALA A 347 12.23 -0.02 -1.82
C ALA A 347 13.25 -0.52 -0.82
N GLY A 348 14.52 -0.44 -1.22
CA GLY A 348 15.63 -0.72 -0.33
C GLY A 348 15.65 -2.11 0.28
N ARG A 349 15.25 -3.12 -0.50
CA ARG A 349 15.26 -4.49 0.02
C ARG A 349 16.68 -5.00 0.28
N ASP A 350 17.69 -4.38 -0.33
CA ASP A 350 19.07 -4.78 -0.09
C ASP A 350 19.64 -4.21 1.20
N GLY A 351 18.87 -3.39 1.92
CA GLY A 351 19.33 -2.79 3.16
C GLY A 351 20.05 -1.48 3.02
N LEU A 352 20.26 -1.00 1.81
CA LEU A 352 20.92 0.27 1.55
C LEU A 352 19.89 1.41 1.53
N PRO A 353 20.33 2.65 1.73
CA PRO A 353 19.39 3.76 1.85
C PRO A 353 18.44 3.84 0.67
N ALA A 354 17.15 3.95 0.98
CA ALA A 354 16.12 4.18 -0.02
C ALA A 354 15.16 5.24 0.51
N GLU A 355 14.40 5.83 -0.41
CA GLU A 355 13.56 6.97 -0.10
C GLU A 355 12.14 6.70 -0.57
N ALA A 356 11.17 7.01 0.29
CA ALA A 356 9.76 7.00 -0.07
C ALA A 356 9.26 8.44 -0.10
N MET A 357 8.71 8.85 -1.24
CA MET A 357 8.24 10.22 -1.43
C MET A 357 6.77 10.20 -1.80
N LEU A 358 5.97 10.93 -1.03
CA LEU A 358 4.53 11.01 -1.25
C LEU A 358 4.18 12.45 -1.61
N PHE A 359 3.60 12.63 -2.78
CA PHE A 359 3.09 13.94 -3.21
C PHE A 359 1.65 14.06 -2.71
N TYR A 360 1.44 14.93 -1.74
CA TYR A 360 0.16 15.02 -1.04
C TYR A 360 -0.61 16.26 -1.46
N ASP A 361 -1.87 16.05 -1.87
CA ASP A 361 -2.82 17.12 -2.07
C ASP A 361 -4.08 16.70 -1.33
N PRO A 362 -4.59 17.49 -0.39
CA PRO A 362 -5.83 17.12 0.30
C PRO A 362 -7.00 16.88 -0.64
N ALA A 363 -6.96 17.41 -1.86
CA ALA A 363 -8.02 17.15 -2.82
C ALA A 363 -8.07 15.68 -3.20
N ASP A 364 -6.91 15.04 -3.32
CA ASP A 364 -6.88 13.60 -3.60
C ASP A 364 -7.57 12.81 -2.50
N MET A 365 -7.47 13.27 -1.26
CA MET A 365 -8.17 12.62 -0.16
C MET A 365 -9.68 12.75 -0.31
N ALA A 366 -10.16 13.97 -0.55
CA ALA A 366 -11.60 14.18 -0.75
C ALA A 366 -12.11 13.39 -1.95
N TRP A 367 -11.28 13.19 -2.97
CA TRP A 367 -11.66 12.32 -4.06
C TRP A 367 -11.80 10.88 -3.57
N LEU A 368 -10.90 10.44 -2.70
CA LEU A 368 -10.97 9.09 -2.17
C LEU A 368 -12.20 8.90 -1.29
N ARG A 369 -12.59 9.94 -0.55
CA ARG A 369 -13.78 9.84 0.29
C ARG A 369 -15.04 9.73 -0.55
N ARG A 370 -15.10 10.44 -1.69
CA ARG A 370 -16.22 10.31 -2.60
C ARG A 370 -16.37 8.88 -3.09
N CYS A 371 -15.27 8.29 -3.55
CA CYS A 371 -15.29 6.90 -3.98
C CYS A 371 -15.85 5.98 -2.90
N LEU A 372 -15.61 6.31 -1.63
CA LEU A 372 -16.12 5.48 -0.55
C LEU A 372 -17.61 5.72 -0.30
N GLU A 373 -18.04 6.99 -0.30
CA GLU A 373 -19.46 7.29 -0.15
C GLU A 373 -20.27 6.73 -1.32
N GLU A 374 -19.63 6.44 -2.45
CA GLU A 374 -20.26 5.87 -3.63
C GLU A 374 -20.69 4.42 -3.43
N LYS A 375 -20.32 3.79 -2.32
CA LYS A 375 -20.57 2.37 -2.09
C LYS A 375 -21.57 2.19 -0.96
N ALA A 376 -21.94 0.93 -0.72
CA ALA A 376 -23.05 0.62 0.18
C ALA A 376 -22.67 0.93 1.62
N PRO A 377 -23.52 1.64 2.37
CA PRO A 377 -23.25 1.87 3.79
C PRO A 377 -23.19 0.55 4.56
N GLY A 378 -22.54 0.60 5.72
CA GLY A 378 -22.44 -0.57 6.56
C GLY A 378 -21.05 -0.75 7.15
N PRO A 379 -20.87 -1.84 7.90
CA PRO A 379 -19.58 -2.04 8.59
C PRO A 379 -18.37 -2.04 7.67
N LEU A 380 -18.48 -2.64 6.48
CA LEU A 380 -17.35 -2.65 5.56
C LEU A 380 -16.95 -1.25 5.14
N GLN A 381 -17.94 -0.40 4.84
CA GLN A 381 -17.63 0.99 4.50
C GLN A 381 -17.11 1.76 5.72
N ASP A 382 -17.58 1.40 6.92
CA ASP A 382 -17.08 2.04 8.13
C ASP A 382 -15.59 1.77 8.31
N ILE A 383 -15.14 0.57 7.98
CA ILE A 383 -13.73 0.23 8.14
C ILE A 383 -12.90 0.90 7.04
N GLU A 384 -13.34 0.78 5.79
CA GLU A 384 -12.65 1.45 4.69
C GLU A 384 -12.53 2.94 4.95
N ARG A 385 -13.55 3.53 5.57
CA ARG A 385 -13.51 4.96 5.87
C ARG A 385 -12.51 5.27 6.97
N HIS A 386 -12.40 4.40 7.97
N HIS A 386 -12.40 4.41 7.98
CA HIS A 386 -11.45 4.65 9.04
CA HIS A 386 -11.44 4.66 9.05
C HIS A 386 -10.02 4.37 8.60
C HIS A 386 -10.02 4.42 8.56
N LYS A 387 -9.81 3.41 7.70
CA LYS A 387 -8.49 3.19 7.12
C LYS A 387 -8.07 4.40 6.30
N LEU A 388 -8.98 4.89 5.46
CA LEU A 388 -8.70 6.10 4.68
C LEU A 388 -8.38 7.28 5.59
N ASN A 389 -9.21 7.47 6.64
CA ASN A 389 -9.00 8.59 7.54
C ASN A 389 -7.64 8.51 8.23
N ALA A 390 -7.20 7.31 8.58
CA ALA A 390 -5.89 7.15 9.21
C ALA A 390 -4.77 7.48 8.22
N MET A 391 -4.95 7.13 6.95
CA MET A 391 -3.96 7.49 5.94
C MET A 391 -3.85 9.01 5.80
N GLY A 392 -4.99 9.70 5.79
CA GLY A 392 -4.96 11.16 5.77
C GLY A 392 -4.32 11.75 7.00
N ALA A 393 -4.49 11.10 8.16
CA ALA A 393 -3.82 11.56 9.36
C ALA A 393 -2.31 11.35 9.29
N PHE A 394 -1.88 10.26 8.65
CA PHE A 394 -0.44 10.07 8.42
C PHE A 394 0.12 11.18 7.56
N ALA A 395 -0.62 11.60 6.53
CA ALA A 395 -0.13 12.64 5.64
C ALA A 395 -0.10 14.00 6.32
N GLU A 396 -1.04 14.27 7.22
CA GLU A 396 -1.15 15.56 7.88
C GLU A 396 -0.33 15.65 9.17
N ALA A 397 0.30 14.56 9.59
CA ALA A 397 0.95 14.52 10.90
C ALA A 397 2.06 15.56 11.00
N GLN A 398 2.14 16.21 12.16
CA GLN A 398 3.25 17.06 12.53
C GLN A 398 4.22 16.35 13.47
N THR A 399 4.31 15.03 13.35
CA THR A 399 5.17 14.20 14.17
C THR A 399 5.87 13.20 13.27
N CYS A 400 6.86 12.51 13.84
CA CYS A 400 7.66 11.51 13.14
C CYS A 400 6.78 10.55 12.33
N ARG A 401 7.02 10.50 11.01
CA ARG A 401 6.22 9.63 10.15
C ARG A 401 6.36 8.17 10.57
N ARG A 402 7.55 7.78 11.01
CA ARG A 402 7.77 6.38 11.40
C ARG A 402 7.01 6.04 12.67
N LEU A 403 6.88 7.00 13.60
CA LEU A 403 6.11 6.75 14.82
C LEU A 403 4.64 6.51 14.50
N VAL A 404 4.11 7.16 13.47
CA VAL A 404 2.73 6.95 13.08
C VAL A 404 2.55 5.55 12.52
N LEU A 405 3.43 5.14 11.61
CA LEU A 405 3.32 3.83 10.98
C LEU A 405 3.44 2.72 12.01
N LEU A 406 4.53 2.72 12.79
CA LEU A 406 4.78 1.65 13.74
C LEU A 406 3.61 1.49 14.72
N ASN A 407 3.16 2.60 15.29
CA ASN A 407 2.08 2.52 16.29
C ASN A 407 0.76 2.14 15.64
N TYR A 408 0.50 2.60 14.41
CA TYR A 408 -0.69 2.16 13.70
C TYR A 408 -0.74 0.64 13.59
N PHE A 409 0.41 0.02 13.33
CA PHE A 409 0.50 -1.43 13.26
C PHE A 409 0.64 -2.09 14.63
N GLY A 410 0.47 -1.33 15.71
CA GLY A 410 0.50 -1.90 17.04
C GLY A 410 1.87 -2.19 17.62
N GLU A 411 2.93 -1.64 17.02
CA GLU A 411 4.28 -1.79 17.54
C GLU A 411 4.62 -0.51 18.30
N GLY A 412 4.55 -0.57 19.62
CA GLY A 412 4.66 0.64 20.43
C GLY A 412 6.06 1.22 20.39
N ARG A 413 6.15 2.52 20.11
CA ARG A 413 7.42 3.23 20.12
C ARG A 413 7.14 4.72 20.30
N GLN A 414 8.01 5.38 21.07
CA GLN A 414 7.90 6.82 21.31
C GLN A 414 9.09 7.63 20.81
N ALA A 415 10.23 7.01 20.56
CA ALA A 415 11.41 7.75 20.15
C ALA A 415 11.31 8.09 18.66
N PRO A 416 11.38 9.36 18.27
CA PRO A 416 11.39 9.70 16.85
C PRO A 416 12.59 9.07 16.14
N CYS A 417 12.44 8.87 14.84
CA CYS A 417 13.36 8.01 14.10
C CYS A 417 14.62 8.72 13.62
N GLY A 418 14.54 10.01 13.30
CA GLY A 418 15.68 10.72 12.76
C GLY A 418 15.94 10.46 11.29
N ASN A 419 15.04 9.73 10.62
CA ASN A 419 15.19 9.41 9.21
C ASN A 419 13.82 9.47 8.53
N CYS A 420 13.07 10.53 8.84
CA CYS A 420 11.83 10.88 8.14
C CYS A 420 11.92 12.35 7.76
N ASP A 421 10.93 12.85 7.03
CA ASP A 421 10.99 14.27 6.67
C ASP A 421 10.63 15.16 7.86
N ILE A 422 9.82 14.65 8.79
CA ILE A 422 9.48 15.44 9.97
C ILE A 422 10.69 15.54 10.91
N CYS A 423 11.43 14.45 11.06
CA CYS A 423 12.62 14.49 11.91
C CYS A 423 13.74 15.30 11.28
N LEU A 424 13.96 15.15 9.97
CA LEU A 424 15.07 15.84 9.32
C LEU A 424 14.76 17.32 9.10
N ASP A 425 13.50 17.66 8.84
CA ASP A 425 13.09 19.04 8.62
C ASP A 425 11.87 19.29 9.51
N PRO A 426 12.07 19.70 10.75
CA PRO A 426 10.95 19.84 11.68
C PRO A 426 10.00 20.90 11.18
N PRO A 427 8.71 20.79 11.53
CA PRO A 427 7.75 21.82 11.13
C PRO A 427 8.05 23.14 11.84
N ARG A 428 7.87 24.24 11.11
CA ARG A 428 8.02 25.57 11.66
C ARG A 428 6.73 26.34 11.45
N ARG A 429 6.30 27.05 12.51
CA ARG A 429 5.02 27.73 12.50
C ARG A 429 5.22 29.24 12.63
N TYR A 430 4.27 29.98 12.08
CA TYR A 430 4.28 31.44 12.11
C TYR A 430 2.88 31.93 12.39
N ASP A 431 2.79 33.17 12.89
CA ASP A 431 1.48 33.77 13.16
C ASP A 431 0.75 33.99 11.85
N GLY A 432 -0.41 33.34 11.70
CA GLY A 432 -1.16 33.42 10.46
C GLY A 432 -2.35 34.36 10.51
N LEU A 433 -2.64 34.91 11.70
CA LEU A 433 -3.81 35.78 11.87
C LEU A 433 -3.84 36.88 10.81
N VAL A 434 -2.68 37.43 10.47
CA VAL A 434 -2.62 38.45 9.43
C VAL A 434 -2.95 37.85 8.07
N ASP A 435 -2.21 36.82 7.67
CA ASP A 435 -2.44 36.20 6.37
C ASP A 435 -3.80 35.53 6.31
N ALA A 436 -4.24 34.90 7.42
CA ALA A 436 -5.53 34.24 7.42
C ALA A 436 -6.68 35.23 7.39
N GLN A 437 -6.49 36.43 7.95
CA GLN A 437 -7.52 37.45 7.84
C GLN A 437 -7.60 37.97 6.41
N LYS A 438 -6.47 38.23 5.78
CA LYS A 438 -6.47 38.64 4.38
C LYS A 438 -7.15 37.60 3.52
N ALA A 439 -6.90 36.31 3.76
CA ALA A 439 -7.53 35.26 2.96
C ALA A 439 -9.01 35.12 3.29
N LEU A 440 -9.33 34.99 4.59
CA LEU A 440 -10.72 34.81 4.99
C LEU A 440 -11.57 36.01 4.60
N SER A 441 -10.97 37.19 4.48
CA SER A 441 -11.71 38.35 4.01
C SER A 441 -12.06 38.21 2.53
N ALA A 442 -11.08 37.84 1.71
CA ALA A 442 -11.29 37.80 0.26
C ALA A 442 -12.23 36.68 -0.18
N ILE A 443 -12.39 35.64 0.63
CA ILE A 443 -13.27 34.55 0.22
C ILE A 443 -14.73 34.93 0.45
N ALA A 444 -15.02 35.72 1.49
CA ALA A 444 -16.36 36.25 1.64
C ALA A 444 -16.67 37.34 0.64
N ARG A 445 -15.64 37.92 0.03
CA ARG A 445 -15.81 38.99 -0.95
C ARG A 445 -16.55 38.55 -2.20
N VAL A 446 -16.56 37.24 -2.45
CA VAL A 446 -17.23 36.71 -3.63
C VAL A 446 -18.65 36.25 -3.33
N GLU A 447 -19.05 36.21 -2.06
CA GLU A 447 -20.31 35.61 -1.65
C GLU A 447 -20.32 34.11 -1.94
N GLN A 448 -19.24 33.41 -1.58
CA GLN A 448 -19.22 31.95 -1.52
C GLN A 448 -19.18 31.30 -2.89
N ARG A 449 -18.77 32.02 -3.94
CA ARG A 449 -19.03 31.55 -5.31
C ARG A 449 -17.81 31.09 -6.08
N PHE A 450 -16.60 31.51 -5.70
CA PHE A 450 -15.40 31.17 -6.47
C PHE A 450 -14.69 29.95 -5.89
N GLY A 451 -13.99 29.23 -6.76
CA GLY A 451 -13.12 28.17 -6.34
C GLY A 451 -11.74 28.69 -5.96
N MET A 452 -10.89 27.77 -5.49
CA MET A 452 -9.58 28.16 -5.00
C MET A 452 -8.73 28.81 -6.09
N GLY A 453 -8.84 28.31 -7.32
CA GLY A 453 -8.10 28.92 -8.42
C GLY A 453 -8.51 30.35 -8.67
N TYR A 454 -9.80 30.66 -8.49
CA TYR A 454 -10.27 32.03 -8.65
C TYR A 454 -9.85 32.89 -7.46
N VAL A 455 -10.07 32.39 -6.23
CA VAL A 455 -9.90 33.22 -5.04
C VAL A 455 -8.45 33.65 -4.86
N VAL A 456 -7.50 32.80 -5.25
CA VAL A 456 -6.09 33.14 -5.07
C VAL A 456 -5.61 34.16 -6.09
N GLU A 457 -6.36 34.38 -7.17
CA GLU A 457 -5.98 35.43 -8.11
C GLU A 457 -6.21 36.82 -7.54
N VAL A 458 -7.33 37.00 -6.81
CA VAL A 458 -7.63 38.31 -6.26
C VAL A 458 -6.69 38.66 -5.11
N LEU A 459 -6.31 37.66 -4.31
CA LEU A 459 -5.40 37.91 -3.19
C LEU A 459 -4.06 38.39 -3.69
N ARG A 460 -3.70 38.06 -4.93
CA ARG A 460 -2.53 38.66 -5.55
C ARG A 460 -2.90 39.54 -6.73
N GLY A 461 -4.12 40.10 -6.73
CA GLY A 461 -4.54 41.15 -7.63
C GLY A 461 -3.90 41.10 -9.01
N ALA A 462 -3.88 39.91 -9.61
CA ALA A 462 -3.45 39.82 -10.99
C ALA A 462 -4.54 40.38 -11.89
N ASN A 463 -4.12 40.89 -13.04
CA ASN A 463 -5.02 41.54 -13.99
C ASN A 463 -5.63 40.49 -14.91
N ASN A 464 -6.95 40.33 -14.85
CA ASN A 464 -7.68 39.49 -15.81
C ASN A 464 -9.14 39.95 -15.83
N GLN A 465 -9.90 39.35 -16.73
CA GLN A 465 -11.19 39.88 -17.18
C GLN A 465 -12.34 39.78 -16.19
N ARG A 466 -12.43 38.65 -15.43
CA ARG A 466 -13.57 38.54 -14.52
C ARG A 466 -13.38 39.34 -13.25
N ILE A 467 -12.18 39.75 -12.94
CA ILE A 467 -12.00 40.72 -11.86
C ILE A 467 -12.47 42.12 -12.27
N ARG A 468 -12.74 42.34 -13.56
CA ARG A 468 -13.46 43.52 -14.05
C ARG A 468 -14.81 43.18 -14.66
N GLU A 469 -14.88 42.06 -15.43
CA GLU A 469 -16.19 41.69 -15.97
C GLU A 469 -17.20 41.50 -14.85
N LEU A 470 -16.90 40.93 -13.74
CA LEU A 470 -17.76 40.97 -12.57
C LEU A 470 -17.53 42.23 -11.74
N GLY A 471 -16.40 42.91 -11.92
CA GLY A 471 -16.12 44.12 -11.17
C GLY A 471 -15.45 43.85 -9.85
N HIS A 472 -14.44 42.99 -9.85
CA HIS A 472 -13.76 42.67 -8.60
C HIS A 472 -12.41 43.39 -8.47
N ASP A 473 -12.34 44.60 -8.97
CA ASP A 473 -11.26 45.50 -8.62
C ASP A 473 -11.64 46.46 -7.52
N LYS A 474 -12.91 46.88 -7.51
CA LYS A 474 -13.37 47.81 -6.49
C LYS A 474 -13.70 47.04 -5.21
N LEU A 475 -12.69 46.28 -4.77
CA LEU A 475 -12.59 45.78 -3.41
C LEU A 475 -11.15 45.95 -2.98
N LYS A 476 -10.95 46.26 -1.71
CA LYS A 476 -9.59 46.41 -1.21
C LYS A 476 -8.90 45.05 -1.02
N VAL A 477 -9.60 43.94 -1.24
CA VAL A 477 -8.92 42.66 -1.20
C VAL A 477 -8.06 42.45 -2.44
N TYR A 478 -8.41 43.09 -3.56
CA TYR A 478 -7.59 42.97 -4.77
C TYR A 478 -6.20 43.55 -4.49
N GLY A 479 -5.18 42.83 -4.92
CA GLY A 479 -3.84 43.36 -4.86
C GLY A 479 -3.35 43.63 -3.45
N ILE A 480 -3.89 42.92 -2.47
CA ILE A 480 -3.46 43.07 -1.08
C ILE A 480 -2.35 42.09 -0.70
N GLY A 481 -2.37 40.89 -1.27
CA GLY A 481 -1.40 39.88 -0.88
C GLY A 481 -0.43 39.45 -1.95
N ARG A 482 -0.12 40.34 -2.91
CA ARG A 482 1.00 40.09 -3.81
C ARG A 482 2.32 39.99 -3.06
N ASP A 483 2.33 40.39 -1.79
CA ASP A 483 3.55 40.40 -0.98
C ASP A 483 4.23 39.04 -0.97
N GLN A 484 3.46 37.95 -0.98
CA GLN A 484 4.00 36.61 -0.85
C GLN A 484 3.60 35.74 -2.04
N SER A 485 4.38 34.67 -2.25
CA SER A 485 4.27 33.85 -3.44
C SER A 485 2.94 33.08 -3.45
N GLN A 486 2.67 32.45 -4.60
CA GLN A 486 1.39 31.77 -4.80
C GLN A 486 1.30 30.50 -3.96
N GLU A 487 2.42 29.77 -3.83
CA GLU A 487 2.43 28.56 -3.02
C GLU A 487 2.08 28.86 -1.56
N HIS A 488 2.58 29.98 -1.05
CA HIS A 488 2.34 30.33 0.35
C HIS A 488 0.84 30.47 0.65
N TRP A 489 0.09 31.06 -0.28
CA TRP A 489 -1.29 31.43 0.02
C TRP A 489 -2.25 30.26 -0.13
N VAL A 490 -2.15 29.52 -1.24
CA VAL A 490 -2.98 28.32 -1.40
C VAL A 490 -2.66 27.31 -0.31
N SER A 491 -1.42 27.33 0.19
CA SER A 491 -1.11 26.58 1.40
C SER A 491 -1.94 27.05 2.59
N VAL A 492 -2.09 28.37 2.74
CA VAL A 492 -2.88 28.91 3.84
C VAL A 492 -4.33 28.45 3.74
N ILE A 493 -4.91 28.54 2.54
CA ILE A 493 -6.31 28.16 2.37
C ILE A 493 -6.48 26.67 2.64
N ARG A 494 -5.52 25.85 2.22
CA ARG A 494 -5.58 24.43 2.55
C ARG A 494 -5.54 24.20 4.05
N GLN A 495 -4.70 24.96 4.76
CA GLN A 495 -4.65 24.84 6.22
C GLN A 495 -5.96 25.27 6.86
N LEU A 496 -6.64 26.28 6.29
CA LEU A 496 -7.91 26.71 6.85
C LEU A 496 -9.02 25.71 6.55
N ILE A 497 -8.95 25.04 5.40
CA ILE A 497 -9.90 23.96 5.12
C ILE A 497 -9.70 22.80 6.10
N HIS A 498 -8.44 22.49 6.41
CA HIS A 498 -8.15 21.41 7.34
C HIS A 498 -8.61 21.72 8.75
N LEU A 499 -8.58 22.99 9.15
CA LEU A 499 -9.03 23.38 10.48
C LEU A 499 -10.54 23.53 10.57
N GLY A 500 -11.25 23.48 9.46
CA GLY A 500 -12.69 23.66 9.47
C GLY A 500 -13.16 25.09 9.38
N VAL A 501 -12.28 26.00 8.95
CA VAL A 501 -12.66 27.41 8.78
C VAL A 501 -13.26 27.65 7.40
N VAL A 502 -12.74 26.98 6.38
CA VAL A 502 -13.27 27.03 5.02
C VAL A 502 -13.64 25.62 4.61
N THR A 503 -14.73 25.50 3.86
CA THR A 503 -15.08 24.25 3.20
C THR A 503 -14.77 24.36 1.72
N GLN A 504 -14.59 23.21 1.09
CA GLN A 504 -14.64 23.10 -0.36
C GLN A 504 -15.93 22.35 -0.69
N ASN A 505 -16.94 23.10 -1.09
CA ASN A 505 -18.20 22.52 -1.55
C ASN A 505 -18.02 22.17 -3.02
N ILE A 506 -17.83 20.88 -3.28
CA ILE A 506 -17.73 20.39 -4.65
C ILE A 506 -19.09 20.13 -5.27
N ALA A 507 -20.18 20.19 -4.48
CA ALA A 507 -21.51 20.13 -5.06
C ALA A 507 -21.89 21.40 -5.81
N GLN A 508 -21.07 22.46 -5.71
CA GLN A 508 -21.25 23.68 -6.50
C GLN A 508 -19.87 24.17 -6.97
N HIS A 509 -19.23 23.35 -7.80
CA HIS A 509 -18.07 23.78 -8.60
C HIS A 509 -16.87 24.14 -7.72
N SER A 510 -16.64 23.35 -6.67
CA SER A 510 -15.47 23.46 -5.80
C SER A 510 -15.30 24.84 -5.19
N ALA A 511 -16.39 25.59 -5.04
CA ALA A 511 -16.32 26.92 -4.45
C ALA A 511 -16.00 26.82 -2.97
N LEU A 512 -15.25 27.80 -2.48
CA LEU A 512 -14.89 27.87 -1.08
C LEU A 512 -16.04 28.59 -0.39
N GLN A 513 -16.76 27.88 0.47
CA GLN A 513 -17.70 28.52 1.39
C GLN A 513 -17.08 28.69 2.76
N LEU A 514 -17.72 29.53 3.56
CA LEU A 514 -17.25 29.87 4.89
C LEU A 514 -18.11 29.18 5.93
N THR A 515 -17.46 28.64 6.94
CA THR A 515 -18.13 27.96 8.04
C THR A 515 -18.33 28.92 9.20
N GLU A 516 -18.81 28.35 10.30
CA GLU A 516 -19.18 29.12 11.47
C GLU A 516 -18.01 29.34 12.41
N ALA A 517 -16.95 28.55 12.28
CA ALA A 517 -15.68 28.79 12.96
C ALA A 517 -14.94 30.00 12.41
N ALA A 518 -15.38 30.53 11.26
CA ALA A 518 -14.61 31.58 10.62
C ALA A 518 -14.64 32.87 11.41
N ARG A 519 -15.72 33.11 12.08
CA ARG A 519 -15.99 34.39 12.75
C ARG A 519 -14.90 35.06 13.59
N PRO A 520 -14.35 34.45 14.64
CA PRO A 520 -13.35 35.15 15.47
C PRO A 520 -12.00 35.34 14.80
N PHE A 521 -11.78 34.77 13.62
CA PHE A 521 -10.51 34.94 12.92
C PHE A 521 -10.46 36.21 12.09
N LEU A 522 -11.60 36.66 11.57
CA LEU A 522 -11.66 37.97 10.95
C LEU A 522 -11.67 39.09 11.98
N ARG A 523 -12.17 38.81 13.19
CA ARG A 523 -12.20 39.80 14.25
C ARG A 523 -10.85 39.95 14.94
N GLY A 524 -9.89 39.08 14.66
CA GLY A 524 -8.60 39.12 15.32
C GLY A 524 -8.63 38.72 16.78
N GLU A 525 -9.71 38.11 17.25
CA GLU A 525 -9.82 37.73 18.66
C GLU A 525 -9.09 36.43 18.95
N ALA A 526 -9.12 35.48 18.02
CA ALA A 526 -8.50 34.19 18.27
C ALA A 526 -7.07 34.17 17.73
N PRO A 527 -6.10 33.76 18.52
CA PRO A 527 -4.75 33.54 17.98
C PRO A 527 -4.75 32.38 17.00
N LEU A 528 -3.79 32.40 16.08
CA LEU A 528 -3.72 31.38 15.06
C LEU A 528 -2.28 31.16 14.65
N MET A 529 -1.87 29.89 14.59
CA MET A 529 -0.53 29.50 14.16
C MET A 529 -0.64 28.58 12.96
N LEU A 530 0.15 28.87 11.93
CA LEU A 530 0.15 28.11 10.69
C LEU A 530 1.55 27.59 10.40
N ALA A 531 1.61 26.39 9.82
CA ALA A 531 2.88 25.83 9.39
C ALA A 531 3.25 26.34 8.01
N VAL A 532 4.54 26.43 7.74
CA VAL A 532 5.03 26.74 6.41
C VAL A 532 4.95 25.44 5.61
N PRO A 533 4.88 25.50 4.28
CA PRO A 533 4.61 24.28 3.50
C PRO A 533 5.87 23.44 3.28
N ARG A 534 5.64 22.22 2.82
CA ARG A 534 6.71 21.28 2.52
C ARG A 534 7.19 21.50 1.09
N VAL A 535 8.44 21.93 0.94
CA VAL A 535 9.00 22.30 -0.36
C VAL A 535 10.49 21.98 -0.34
N ALA A 536 11.01 21.57 -1.49
CA ALA A 536 12.44 21.31 -1.63
C ALA A 536 13.13 22.48 -2.31
#